data_7OLM
#
_entry.id   7OLM
#
_cell.length_a   73.210
_cell.length_b   121.060
_cell.length_c   66.730
_cell.angle_alpha   90.000
_cell.angle_beta   90.000
_cell.angle_gamma   90.000
#
_symmetry.space_group_name_H-M   'C 2 2 21'
#
loop_
_entity.id
_entity.type
_entity.pdbx_description
1 polymer 'Iron/alpha-ketoglutarate-dependent dioxygenase asqJ'
2 non-polymer 'NICKEL (II) ION'
3 non-polymer 3-[(S)-dioxidanyl(phenyl)methyl]-4-methyl-2-oxidanyl-1H-1,4-benzodiazepin-5-one
4 non-polymer 2-AMINO-2-HYDROXYMETHYL-PROPANE-1,3-DIOL
5 non-polymer 'BROMIDE ION'
6 non-polymer 'CHLORIDE ION'
7 water water
#
_entity_poly.entity_id   1
_entity_poly.type   'polypeptide(L)'
_entity_poly.pdbx_seq_one_letter_code
;STSKDHVKSQIPRLSAINDLHKIWPTVEEHGAAIIESFLSLDIVRRLNEEVDPFVKIEPIPAAKTKDHPNHILSTTTRLV
NVLAPISKAYREDVLNSKVLHRICSDAFHVYGDYWVLMGAVMELAPSNPAQPLHRDMRFSHPIVEYLKPDAPATSINFLV
ALSPFTAENGATHVILGSHKWQNLSNVSMDATVRALMNPGDALLITDSTIHCGGAETTGTETRRLLTITMGISQLTPLES
NLAVPRPVIESLTPLAQRLLGWASQRSAAPRDIGLLTIRGNSIEKTMNLKAEQPLHDDEAEPLCRETI
;
_entity_poly.pdbx_strand_id   A
#
# COMPACT_ATOMS: atom_id res chain seq x y z
N LYS A 8 10.09 2.36 -25.72
CA LYS A 8 9.22 2.75 -24.57
C LYS A 8 10.09 3.29 -23.42
N SER A 9 9.63 4.36 -22.76
CA SER A 9 10.27 4.96 -21.57
C SER A 9 10.16 3.99 -20.39
N GLN A 10 11.25 3.80 -19.64
CA GLN A 10 11.28 2.93 -18.43
C GLN A 10 10.70 3.71 -17.24
N ILE A 11 10.35 3.01 -16.16
CA ILE A 11 9.80 3.62 -14.92
C ILE A 11 10.90 4.51 -14.32
N PRO A 12 10.62 5.81 -14.06
CA PRO A 12 11.60 6.68 -13.40
C PRO A 12 12.06 6.12 -12.05
N ARG A 13 13.39 6.09 -11.83
CA ARG A 13 14.03 5.58 -10.60
C ARG A 13 14.56 6.77 -9.80
N LEU A 14 14.18 6.88 -8.52
CA LEU A 14 14.47 8.05 -7.66
C LEU A 14 15.09 7.60 -6.33
N SER A 15 15.91 8.47 -5.74
CA SER A 15 16.55 8.27 -4.40
C SER A 15 15.57 8.66 -3.29
N ALA A 16 15.42 7.79 -2.30
CA ALA A 16 14.67 8.05 -1.04
C ALA A 16 15.39 9.12 -0.22
N ILE A 17 16.72 9.21 -0.36
CA ILE A 17 17.61 10.10 0.44
C ILE A 17 17.56 11.52 -0.15
N ASN A 18 17.78 11.66 -1.46
CA ASN A 18 18.12 12.95 -2.12
C ASN A 18 16.91 13.52 -2.88
N ASP A 19 16.20 12.70 -3.66
CA ASP A 19 15.18 13.15 -4.66
C ASP A 19 13.78 13.17 -4.04
N LEU A 20 13.67 13.40 -2.73
CA LEU A 20 12.40 13.20 -1.95
C LEU A 20 11.28 14.07 -2.53
N HIS A 21 11.55 15.36 -2.76
CA HIS A 21 10.58 16.36 -3.29
C HIS A 21 10.17 16.03 -4.74
N LYS A 22 10.94 15.21 -5.44
CA LYS A 22 10.72 14.86 -6.88
C LYS A 22 9.78 13.65 -7.02
N ILE A 23 9.57 12.88 -5.95
CA ILE A 23 8.91 11.54 -6.03
C ILE A 23 7.45 11.72 -6.45
N TRP A 24 6.65 12.49 -5.71
CA TRP A 24 5.20 12.63 -6.00
C TRP A 24 5.00 13.31 -7.36
N PRO A 25 5.67 14.45 -7.66
CA PRO A 25 5.57 15.06 -8.99
C PRO A 25 5.83 14.08 -10.14
N THR A 26 6.79 13.16 -9.97
CA THR A 26 7.14 12.12 -10.98
C THR A 26 5.96 11.17 -11.17
N VAL A 27 5.36 10.69 -10.07
CA VAL A 27 4.19 9.76 -10.09
C VAL A 27 2.99 10.48 -10.70
N GLU A 28 2.78 11.76 -10.35
CA GLU A 28 1.65 12.58 -10.87
C GLU A 28 1.76 12.66 -12.39
N GLU A 29 2.98 12.76 -12.93
CA GLU A 29 3.24 12.93 -14.39
C GLU A 29 3.14 11.57 -15.12
N HIS A 30 3.83 10.55 -14.62
CA HIS A 30 4.08 9.26 -15.32
C HIS A 30 3.17 8.14 -14.79
N GLY A 31 2.61 8.30 -13.59
CA GLY A 31 1.70 7.30 -12.97
C GLY A 31 2.45 6.24 -12.17
N ALA A 32 3.79 6.25 -12.22
CA ALA A 32 4.65 5.26 -11.52
C ALA A 32 6.06 5.83 -11.32
N ALA A 33 6.72 5.41 -10.24
CA ALA A 33 8.12 5.71 -9.92
C ALA A 33 8.69 4.59 -9.03
N ILE A 34 9.96 4.23 -9.25
CA ILE A 34 10.74 3.33 -8.34
C ILE A 34 11.44 4.22 -7.31
N ILE A 35 11.17 4.00 -6.03
CA ILE A 35 11.92 4.60 -4.88
C ILE A 35 12.99 3.59 -4.45
N GLU A 36 14.25 3.83 -4.82
CA GLU A 36 15.39 2.93 -4.50
C GLU A 36 15.68 3.03 -3.00
N SER A 37 15.81 1.88 -2.34
CA SER A 37 16.08 1.75 -0.87
C SER A 37 15.04 2.55 -0.07
N PHE A 38 13.75 2.37 -0.40
CA PHE A 38 12.59 2.94 0.35
C PHE A 38 12.67 2.44 1.80
N LEU A 39 12.91 1.13 1.97
CA LEU A 39 13.23 0.49 3.27
C LEU A 39 14.67 -0.02 3.23
N SER A 40 15.41 0.14 4.33
CA SER A 40 16.76 -0.44 4.54
C SER A 40 16.66 -1.97 4.54
N LEU A 41 17.75 -2.66 4.22
CA LEU A 41 17.81 -4.15 4.21
C LEU A 41 17.57 -4.70 5.62
N ASP A 42 17.95 -3.93 6.65
CA ASP A 42 17.72 -4.28 8.08
C ASP A 42 16.22 -4.37 8.36
N ILE A 43 15.46 -3.36 7.91
CA ILE A 43 13.97 -3.30 8.09
C ILE A 43 13.32 -4.43 7.30
N VAL A 44 13.77 -4.67 6.07
CA VAL A 44 13.28 -5.77 5.18
C VAL A 44 13.52 -7.12 5.89
N ARG A 45 14.72 -7.31 6.44
CA ARG A 45 15.12 -8.55 7.17
C ARG A 45 14.17 -8.79 8.34
N ARG A 46 13.92 -7.75 9.15
CA ARG A 46 13.09 -7.84 10.38
C ARG A 46 11.62 -8.04 10.01
N LEU A 47 11.12 -7.31 8.99
CA LEU A 47 9.75 -7.49 8.44
C LEU A 47 9.55 -8.96 8.04
N ASN A 48 10.48 -9.49 7.23
CA ASN A 48 10.41 -10.88 6.68
C ASN A 48 10.37 -11.88 7.83
N GLU A 49 11.26 -11.74 8.81
CA GLU A 49 11.38 -12.65 9.99
C GLU A 49 10.06 -12.67 10.77
N GLU A 50 9.43 -11.51 10.95
CA GLU A 50 8.25 -11.31 11.83
C GLU A 50 6.98 -11.87 11.15
N VAL A 51 6.84 -11.70 9.83
CA VAL A 51 5.61 -12.10 9.07
C VAL A 51 5.74 -13.56 8.58
N ASP A 52 6.96 -14.09 8.52
CA ASP A 52 7.28 -15.45 7.99
C ASP A 52 6.21 -16.47 8.43
N PRO A 53 6.02 -16.72 9.74
CA PRO A 53 5.08 -17.76 10.18
C PRO A 53 3.62 -17.49 9.79
N PHE A 54 3.21 -16.22 9.78
CA PHE A 54 1.82 -15.78 9.47
C PHE A 54 1.52 -16.05 7.99
N VAL A 55 2.53 -15.92 7.12
CA VAL A 55 2.42 -16.25 5.66
C VAL A 55 2.22 -17.77 5.51
N LYS A 56 2.94 -18.57 6.31
CA LYS A 56 2.93 -20.06 6.22
C LYS A 56 1.57 -20.62 6.66
N ILE A 57 0.93 -20.01 7.66
CA ILE A 57 -0.36 -20.50 8.24
C ILE A 57 -1.55 -19.93 7.47
N GLU A 58 -1.33 -18.92 6.63
CA GLU A 58 -2.40 -18.22 5.86
C GLU A 58 -3.04 -19.20 4.88
N PRO A 59 -4.38 -19.44 4.97
CA PRO A 59 -5.07 -20.27 3.98
C PRO A 59 -5.18 -19.57 2.61
N ILE A 60 -5.76 -20.27 1.63
CA ILE A 60 -5.99 -19.74 0.25
C ILE A 60 -6.86 -18.49 0.35
N PRO A 61 -6.73 -17.52 -0.58
CA PRO A 61 -7.48 -16.26 -0.50
C PRO A 61 -9.01 -16.44 -0.39
N ALA A 62 -9.57 -17.45 -1.06
CA ALA A 62 -11.03 -17.74 -1.10
C ALA A 62 -11.35 -18.98 -0.27
N ALA A 63 -10.65 -19.18 0.85
CA ALA A 63 -10.85 -20.32 1.78
C ALA A 63 -12.30 -20.34 2.27
N LYS A 64 -12.90 -21.53 2.38
CA LYS A 64 -14.33 -21.72 2.75
C LYS A 64 -14.57 -21.30 4.20
N THR A 65 -13.52 -21.25 5.02
CA THR A 65 -13.57 -20.82 6.46
C THR A 65 -13.81 -19.31 6.56
N LYS A 66 -13.45 -18.55 5.52
CA LYS A 66 -13.50 -17.05 5.51
C LYS A 66 -14.93 -16.58 5.16
N ASP A 67 -15.41 -15.53 5.85
CA ASP A 67 -16.73 -14.89 5.55
C ASP A 67 -16.50 -13.65 4.68
N HIS A 68 -15.24 -13.25 4.44
CA HIS A 68 -14.84 -12.25 3.43
C HIS A 68 -13.77 -12.85 2.51
N PRO A 69 -14.09 -13.91 1.75
CA PRO A 69 -13.13 -14.52 0.83
C PRO A 69 -12.73 -13.57 -0.29
N ASN A 70 -11.47 -13.66 -0.73
CA ASN A 70 -10.94 -12.95 -1.93
C ASN A 70 -10.97 -13.92 -3.11
N HIS A 71 -11.94 -13.74 -4.02
CA HIS A 71 -12.19 -14.63 -5.17
C HIS A 71 -11.33 -14.22 -6.39
N ILE A 72 -10.51 -13.17 -6.27
CA ILE A 72 -9.74 -12.57 -7.40
CA ILE A 72 -9.75 -12.61 -7.43
C ILE A 72 -8.33 -13.18 -7.43
N LEU A 73 -7.64 -13.14 -6.28
CA LEU A 73 -6.23 -13.59 -6.17
C LEU A 73 -6.13 -15.08 -6.49
N SER A 74 -5.03 -15.50 -7.11
CA SER A 74 -4.73 -16.91 -7.47
C SER A 74 -4.66 -17.75 -6.18
N THR A 75 -5.02 -19.03 -6.27
CA THR A 75 -5.09 -19.98 -5.12
C THR A 75 -3.71 -20.10 -4.47
N THR A 76 -2.63 -19.93 -5.25
CA THR A 76 -1.22 -20.07 -4.80
C THR A 76 -0.80 -18.84 -3.98
N THR A 77 -1.41 -17.67 -4.21
CA THR A 77 -1.09 -16.39 -3.54
C THR A 77 -1.47 -16.46 -2.06
N ARG A 78 -0.65 -15.85 -1.19
CA ARG A 78 -0.93 -15.72 0.26
C ARG A 78 -0.80 -14.24 0.66
N LEU A 79 -1.89 -13.65 1.15
CA LEU A 79 -1.98 -12.24 1.59
C LEU A 79 -2.22 -12.20 3.10
N VAL A 80 -1.35 -11.52 3.85
CA VAL A 80 -1.46 -11.28 5.32
C VAL A 80 -1.55 -9.76 5.55
N ASN A 81 -2.69 -9.28 6.07
CA ASN A 81 -2.91 -7.85 6.39
C ASN A 81 -3.06 -7.70 7.91
N VAL A 82 -3.37 -6.49 8.40
CA VAL A 82 -3.36 -6.12 9.84
C VAL A 82 -2.00 -6.54 10.43
N LEU A 83 -0.93 -5.90 9.97
CA LEU A 83 0.48 -6.27 10.27
C LEU A 83 0.94 -5.66 11.60
N ALA A 84 0.24 -4.64 12.12
CA ALA A 84 0.62 -3.91 13.35
C ALA A 84 0.88 -4.89 14.50
N PRO A 85 -0.06 -5.81 14.84
CA PRO A 85 0.18 -6.77 15.92
C PRO A 85 1.27 -7.82 15.63
N ILE A 86 1.56 -8.08 14.35
CA ILE A 86 2.54 -9.11 13.88
C ILE A 86 3.96 -8.55 13.96
N SER A 87 4.18 -7.35 13.44
CA SER A 87 5.53 -6.83 13.05
C SER A 87 5.86 -5.54 13.80
N LYS A 88 6.91 -5.57 14.62
CA LYS A 88 7.52 -4.38 15.29
C LYS A 88 8.09 -3.45 14.22
N ALA A 89 8.80 -4.02 13.24
CA ALA A 89 9.42 -3.28 12.12
C ALA A 89 8.36 -2.48 11.36
N TYR A 90 7.19 -3.06 11.11
CA TYR A 90 6.07 -2.41 10.38
C TYR A 90 5.51 -1.25 11.21
N ARG A 91 5.11 -1.52 12.46
CA ARG A 91 4.35 -0.56 13.30
C ARG A 91 5.25 0.59 13.76
N GLU A 92 6.57 0.40 13.80
CA GLU A 92 7.55 1.41 14.25
C GLU A 92 8.21 2.08 13.04
N ASP A 93 8.95 1.32 12.23
CA ASP A 93 9.81 1.85 11.14
C ASP A 93 8.94 2.27 9.94
N VAL A 94 8.06 1.39 9.46
CA VAL A 94 7.30 1.58 8.18
C VAL A 94 6.24 2.66 8.39
N LEU A 95 5.43 2.57 9.45
CA LEU A 95 4.30 3.50 9.72
C LEU A 95 4.81 4.91 10.04
N ASN A 96 6.10 5.07 10.39
CA ASN A 96 6.73 6.38 10.72
C ASN A 96 7.77 6.76 9.64
N SER A 97 7.76 6.08 8.49
CA SER A 97 8.68 6.35 7.35
C SER A 97 8.57 7.82 6.94
N LYS A 98 9.67 8.58 7.05
CA LYS A 98 9.74 10.02 6.67
C LYS A 98 9.40 10.17 5.18
N VAL A 99 9.90 9.24 4.34
CA VAL A 99 9.71 9.25 2.86
C VAL A 99 8.23 9.03 2.54
N LEU A 100 7.61 8.01 3.14
CA LEU A 100 6.17 7.68 2.94
C LEU A 100 5.32 8.91 3.27
N HIS A 101 5.59 9.55 4.41
CA HIS A 101 4.76 10.65 4.97
C HIS A 101 4.93 11.93 4.12
N ARG A 102 6.13 12.19 3.60
CA ARG A 102 6.36 13.34 2.68
C ARG A 102 5.55 13.12 1.40
N ILE A 103 5.64 11.92 0.81
CA ILE A 103 4.94 11.57 -0.47
C ILE A 103 3.44 11.70 -0.26
N CYS A 104 2.91 11.15 0.83
CA CYS A 104 1.45 11.12 1.15
C CYS A 104 0.93 12.54 1.39
N SER A 105 1.68 13.37 2.13
CA SER A 105 1.33 14.79 2.40
C SER A 105 1.36 15.59 1.08
N ASP A 106 2.30 15.27 0.17
CA ASP A 106 2.37 15.86 -1.18
C ASP A 106 1.13 15.43 -1.99
N ALA A 107 0.77 14.15 -1.92
CA ALA A 107 -0.27 13.51 -2.75
C ALA A 107 -1.69 13.98 -2.34
N PHE A 108 -1.96 14.08 -1.04
CA PHE A 108 -3.35 14.15 -0.49
C PHE A 108 -3.66 15.50 0.16
N HIS A 109 -2.81 16.52 -0.05
CA HIS A 109 -2.96 17.87 0.58
C HIS A 109 -4.31 18.49 0.20
N VAL A 110 -4.79 18.25 -1.02
CA VAL A 110 -6.08 18.80 -1.54
C VAL A 110 -7.25 18.25 -0.70
N TYR A 111 -7.14 17.01 -0.21
CA TYR A 111 -8.23 16.29 0.50
C TYR A 111 -8.10 16.46 2.03
N GLY A 112 -6.87 16.37 2.55
CA GLY A 112 -6.57 16.48 4.00
C GLY A 112 -5.82 15.27 4.51
N ASP A 113 -6.16 14.79 5.71
CA ASP A 113 -5.50 13.65 6.38
C ASP A 113 -5.63 12.39 5.52
N TYR A 114 -4.64 11.50 5.61
CA TYR A 114 -4.57 10.18 4.95
C TYR A 114 -4.32 9.12 6.02
N TRP A 115 -4.62 7.86 5.70
CA TRP A 115 -4.33 6.70 6.59
C TRP A 115 -4.10 5.44 5.74
N VAL A 116 -3.81 4.32 6.39
CA VAL A 116 -3.57 3.00 5.73
C VAL A 116 -4.92 2.40 5.36
N LEU A 117 -5.21 2.28 4.06
CA LEU A 117 -6.38 1.51 3.56
C LEU A 117 -6.08 0.02 3.68
N MET A 118 -4.83 -0.39 3.43
CA MET A 118 -4.33 -1.76 3.73
C MET A 118 -2.81 -1.81 3.65
N GLY A 119 -2.19 -2.35 4.71
CA GLY A 119 -0.80 -2.82 4.72
C GLY A 119 -0.77 -4.34 4.74
N ALA A 120 -0.33 -4.97 3.65
CA ALA A 120 -0.36 -6.44 3.48
C ALA A 120 0.97 -6.94 2.93
N VAL A 121 1.45 -8.06 3.47
CA VAL A 121 2.53 -8.89 2.86
C VAL A 121 1.85 -9.86 1.91
N MET A 122 2.29 -9.87 0.64
CA MET A 122 1.83 -10.84 -0.38
C MET A 122 3.02 -11.73 -0.77
N GLU A 123 2.85 -13.04 -0.69
CA GLU A 123 3.83 -14.04 -1.16
C GLU A 123 3.23 -14.79 -2.35
N LEU A 124 3.92 -14.72 -3.50
CA LEU A 124 3.53 -15.41 -4.75
C LEU A 124 4.36 -16.70 -4.86
N ALA A 125 3.68 -17.85 -4.91
CA ALA A 125 4.32 -19.19 -5.00
C ALA A 125 4.94 -19.35 -6.38
N PRO A 126 5.90 -20.28 -6.57
CA PRO A 126 6.45 -20.54 -7.90
C PRO A 126 5.36 -20.84 -8.93
N SER A 127 5.55 -20.39 -10.17
CA SER A 127 4.65 -20.59 -11.33
C SER A 127 3.34 -19.79 -11.17
N ASN A 128 3.33 -18.77 -10.30
CA ASN A 128 2.17 -17.85 -10.14
C ASN A 128 1.92 -17.14 -11.47
N PRO A 129 0.71 -17.25 -12.07
CA PRO A 129 0.42 -16.55 -13.32
C PRO A 129 0.38 -15.03 -13.15
N ALA A 130 0.57 -14.31 -14.25
CA ALA A 130 0.42 -12.84 -14.32
C ALA A 130 -1.04 -12.49 -14.01
N GLN A 131 -1.26 -11.44 -13.21
CA GLN A 131 -2.61 -10.87 -12.96
C GLN A 131 -3.09 -10.22 -14.26
N PRO A 132 -4.41 -10.11 -14.50
CA PRO A 132 -4.92 -9.27 -15.58
C PRO A 132 -4.53 -7.81 -15.30
N LEU A 133 -4.27 -7.01 -16.34
CA LEU A 133 -4.04 -5.55 -16.21
C LEU A 133 -5.30 -4.94 -15.58
N HIS A 134 -5.12 -4.06 -14.59
CA HIS A 134 -6.22 -3.52 -13.76
C HIS A 134 -5.82 -2.20 -13.10
N ARG A 135 -6.84 -1.47 -12.62
CA ARG A 135 -6.71 -0.40 -11.60
C ARG A 135 -7.16 -0.97 -10.26
N ASP A 136 -6.51 -0.57 -9.16
CA ASP A 136 -6.85 -1.04 -7.80
C ASP A 136 -8.16 -0.37 -7.33
N MET A 137 -8.76 -0.90 -6.27
CA MET A 137 -9.89 -0.31 -5.49
C MET A 137 -11.25 -0.66 -6.10
N ARG A 138 -11.30 -1.36 -7.24
CA ARG A 138 -12.58 -1.62 -7.99
C ARG A 138 -13.37 -2.76 -7.34
N PHE A 139 -12.79 -3.50 -6.39
CA PHE A 139 -13.45 -4.64 -5.69
C PHE A 139 -13.81 -4.27 -4.25
N SER A 140 -13.60 -3.00 -3.85
CA SER A 140 -13.82 -2.52 -2.46
C SER A 140 -14.50 -1.14 -2.43
N HIS A 141 -14.14 -0.25 -3.36
CA HIS A 141 -14.59 1.17 -3.38
C HIS A 141 -15.16 1.53 -4.76
N PRO A 142 -16.35 1.00 -5.13
CA PRO A 142 -17.06 1.45 -6.32
C PRO A 142 -17.18 2.98 -6.49
N ILE A 143 -17.21 3.73 -5.38
CA ILE A 143 -17.27 5.22 -5.40
C ILE A 143 -16.16 5.78 -6.29
N VAL A 144 -14.97 5.18 -6.27
CA VAL A 144 -13.75 5.71 -6.96
C VAL A 144 -14.02 5.85 -8.47
N GLU A 145 -14.81 4.94 -9.06
CA GLU A 145 -15.11 4.94 -10.52
C GLU A 145 -15.99 6.14 -10.89
N TYR A 146 -16.69 6.73 -9.91
CA TYR A 146 -17.63 7.87 -10.12
C TYR A 146 -16.92 9.22 -9.91
N LEU A 147 -15.63 9.22 -9.61
CA LEU A 147 -14.82 10.47 -9.48
C LEU A 147 -14.57 11.04 -10.88
N LYS A 148 -14.57 12.37 -11.00
CA LYS A 148 -14.24 13.10 -12.25
C LYS A 148 -12.82 12.71 -12.69
N PRO A 149 -12.54 12.66 -14.01
CA PRO A 149 -11.22 12.26 -14.51
C PRO A 149 -10.03 13.05 -13.91
N ASP A 150 -10.22 14.34 -13.63
CA ASP A 150 -9.15 15.27 -13.18
C ASP A 150 -9.09 15.34 -11.65
N ALA A 151 -9.95 14.57 -10.95
CA ALA A 151 -9.91 14.41 -9.47
C ALA A 151 -8.53 13.92 -9.06
N PRO A 152 -7.83 14.62 -8.14
CA PRO A 152 -6.57 14.11 -7.60
C PRO A 152 -6.76 12.69 -7.05
N ALA A 153 -5.74 11.83 -7.19
CA ALA A 153 -5.74 10.43 -6.70
C ALA A 153 -6.15 10.42 -5.22
N THR A 154 -7.12 9.57 -4.86
CA THR A 154 -7.66 9.44 -3.47
C THR A 154 -6.95 8.29 -2.74
N SER A 155 -6.22 7.45 -3.46
CA SER A 155 -5.31 6.42 -2.87
C SER A 155 -4.10 6.19 -3.78
N ILE A 156 -2.98 5.79 -3.17
CA ILE A 156 -1.70 5.40 -3.85
C ILE A 156 -1.23 4.09 -3.22
N ASN A 157 -0.45 3.30 -3.96
CA ASN A 157 0.01 1.95 -3.53
C ASN A 157 1.53 1.89 -3.60
N PHE A 158 2.19 1.73 -2.45
CA PHE A 158 3.63 1.43 -2.31
C PHE A 158 3.81 -0.09 -2.39
N LEU A 159 4.40 -0.57 -3.49
CA LEU A 159 4.72 -2.01 -3.70
C LEU A 159 6.20 -2.23 -3.38
N VAL A 160 6.49 -2.57 -2.12
CA VAL A 160 7.87 -2.70 -1.56
C VAL A 160 8.34 -4.14 -1.77
N ALA A 161 9.44 -4.33 -2.50
CA ALA A 161 10.10 -5.64 -2.72
C ALA A 161 10.68 -6.12 -1.39
N LEU A 162 10.24 -7.30 -0.91
CA LEU A 162 10.81 -8.00 0.27
C LEU A 162 11.72 -9.15 -0.22
N SER A 163 11.71 -9.41 -1.52
CA SER A 163 12.64 -10.31 -2.25
C SER A 163 12.88 -9.73 -3.63
N PRO A 164 13.90 -10.18 -4.41
CA PRO A 164 14.18 -9.61 -5.73
C PRO A 164 12.99 -9.71 -6.70
N PHE A 165 12.70 -8.61 -7.39
CA PHE A 165 11.75 -8.51 -8.52
C PHE A 165 12.54 -8.57 -9.83
N THR A 166 12.40 -9.67 -10.59
CA THR A 166 13.05 -9.86 -11.92
C THR A 166 11.96 -10.11 -12.97
N ALA A 167 12.30 -9.89 -14.24
CA ALA A 167 11.41 -10.17 -15.41
C ALA A 167 10.99 -11.64 -15.39
N GLU A 168 11.88 -12.52 -14.92
CA GLU A 168 11.73 -14.00 -14.95
C GLU A 168 10.77 -14.46 -13.85
N ASN A 169 10.77 -13.81 -12.68
CA ASN A 169 10.05 -14.28 -11.46
C ASN A 169 8.78 -13.46 -11.21
N GLY A 170 8.39 -12.58 -12.13
CA GLY A 170 7.06 -11.94 -12.17
C GLY A 170 7.05 -10.53 -11.61
N ALA A 171 8.12 -9.74 -11.84
CA ALA A 171 8.20 -8.31 -11.51
C ALA A 171 6.97 -7.57 -12.07
N THR A 172 6.46 -6.60 -11.33
CA THR A 172 5.24 -5.81 -11.67
C THR A 172 5.34 -5.23 -13.08
N HIS A 173 4.24 -5.25 -13.84
CA HIS A 173 4.05 -4.50 -15.10
C HIS A 173 3.25 -3.22 -14.80
N VAL A 174 3.64 -2.10 -15.41
CA VAL A 174 2.85 -0.82 -15.37
C VAL A 174 2.79 -0.25 -16.80
N ILE A 175 1.69 0.41 -17.14
CA ILE A 175 1.59 1.26 -18.35
C ILE A 175 1.78 2.72 -17.90
N LEU A 176 2.92 3.33 -18.25
CA LEU A 176 3.23 4.74 -17.90
C LEU A 176 2.22 5.66 -18.59
N GLY A 177 1.68 6.63 -17.85
CA GLY A 177 0.70 7.61 -18.34
C GLY A 177 -0.73 7.09 -18.30
N SER A 178 -0.94 5.81 -17.92
CA SER A 178 -2.25 5.12 -17.96
C SER A 178 -3.20 5.69 -16.90
N HIS A 179 -2.66 6.34 -15.86
CA HIS A 179 -3.44 6.99 -14.76
C HIS A 179 -4.28 8.16 -15.31
N LYS A 180 -3.93 8.70 -16.48
CA LYS A 180 -4.65 9.83 -17.14
C LYS A 180 -5.57 9.30 -18.25
N TRP A 181 -5.57 7.99 -18.52
CA TRP A 181 -6.37 7.36 -19.61
C TRP A 181 -7.86 7.38 -19.21
N GLN A 182 -8.73 7.71 -20.18
CA GLN A 182 -10.21 7.56 -20.07
C GLN A 182 -10.65 6.45 -21.03
N ASN A 183 -10.17 6.51 -22.29
CA ASN A 183 -10.35 5.43 -23.30
C ASN A 183 -9.30 4.34 -23.03
N LEU A 184 -9.75 3.10 -22.76
CA LEU A 184 -8.88 1.96 -22.38
C LEU A 184 -8.85 0.92 -23.51
N SER A 185 -8.90 1.37 -24.77
CA SER A 185 -8.89 0.52 -25.99
C SER A 185 -7.45 0.06 -26.30
N ASN A 186 -6.45 0.79 -25.80
CA ASN A 186 -5.00 0.52 -26.04
C ASN A 186 -4.40 -0.26 -24.86
N VAL A 187 -5.22 -0.71 -23.90
CA VAL A 187 -4.76 -1.56 -22.76
C VAL A 187 -4.28 -2.90 -23.31
N SER A 188 -2.99 -3.18 -23.14
CA SER A 188 -2.30 -4.40 -23.64
C SER A 188 -0.98 -4.56 -22.88
N MET A 189 -0.51 -5.79 -22.73
CA MET A 189 0.82 -6.11 -22.12
C MET A 189 1.93 -5.54 -23.01
N ASP A 190 1.65 -5.31 -24.29
CA ASP A 190 2.56 -4.67 -25.28
C ASP A 190 2.96 -3.27 -24.81
N ALA A 191 2.09 -2.58 -24.07
CA ALA A 191 2.26 -1.16 -23.67
C ALA A 191 2.93 -1.05 -22.28
N THR A 192 3.29 -2.17 -21.63
CA THR A 192 3.81 -2.19 -20.24
C THR A 192 5.34 -2.10 -20.23
N VAL A 193 5.88 -1.61 -19.11
CA VAL A 193 7.32 -1.71 -18.71
C VAL A 193 7.36 -2.35 -17.31
N ARG A 194 8.53 -2.86 -16.91
CA ARG A 194 8.70 -3.72 -15.70
C ARG A 194 9.32 -2.90 -14.57
N ALA A 195 8.95 -3.23 -13.33
CA ALA A 195 9.56 -2.72 -12.09
C ALA A 195 10.60 -3.73 -11.59
N LEU A 196 11.79 -3.72 -12.19
CA LEU A 196 12.96 -4.50 -11.73
C LEU A 196 13.49 -3.83 -10.46
N MET A 197 13.48 -4.55 -9.34
CA MET A 197 13.72 -3.98 -8.00
C MET A 197 14.51 -4.95 -7.12
N ASN A 198 15.40 -4.39 -6.30
CA ASN A 198 16.13 -5.10 -5.21
C ASN A 198 15.24 -5.07 -3.97
N PRO A 199 15.43 -5.99 -3.00
CA PRO A 199 14.71 -5.92 -1.72
C PRO A 199 14.88 -4.54 -1.07
N GLY A 200 13.77 -3.91 -0.67
CA GLY A 200 13.75 -2.58 -0.03
C GLY A 200 13.37 -1.46 -0.98
N ASP A 201 13.52 -1.70 -2.29
CA ASP A 201 13.02 -0.78 -3.35
C ASP A 201 11.49 -0.85 -3.36
N ALA A 202 10.83 0.26 -3.71
CA ALA A 202 9.35 0.38 -3.74
C ALA A 202 8.90 0.94 -5.09
N LEU A 203 7.94 0.27 -5.73
CA LEU A 203 7.18 0.79 -6.89
C LEU A 203 5.97 1.55 -6.34
N LEU A 204 5.89 2.86 -6.60
CA LEU A 204 4.74 3.71 -6.19
C LEU A 204 3.83 3.95 -7.40
N ILE A 205 2.55 3.58 -7.28
CA ILE A 205 1.50 3.78 -8.33
C ILE A 205 0.30 4.47 -7.68
N THR A 206 -0.59 5.04 -8.50
CA THR A 206 -1.88 5.62 -8.06
C THR A 206 -2.98 4.58 -8.27
N ASP A 207 -4.18 4.87 -7.75
CA ASP A 207 -5.38 4.02 -7.91
C ASP A 207 -5.86 4.00 -9.37
N SER A 208 -5.29 4.85 -10.24
CA SER A 208 -5.65 4.96 -11.68
C SER A 208 -4.58 4.35 -12.58
N THR A 209 -3.38 4.06 -12.06
CA THR A 209 -2.27 3.43 -12.82
C THR A 209 -2.68 2.00 -13.20
N ILE A 210 -2.72 1.69 -14.51
CA ILE A 210 -2.99 0.32 -15.02
C ILE A 210 -1.71 -0.51 -14.86
N HIS A 211 -1.82 -1.65 -14.17
CA HIS A 211 -0.67 -2.49 -13.73
C HIS A 211 -1.13 -3.92 -13.51
N CYS A 212 -0.18 -4.83 -13.28
CA CYS A 212 -0.45 -6.24 -12.90
C CYS A 212 0.83 -6.89 -12.36
N GLY A 213 0.66 -7.81 -11.40
CA GLY A 213 1.70 -8.79 -11.04
C GLY A 213 2.14 -9.55 -12.28
N GLY A 214 3.44 -9.78 -12.43
CA GLY A 214 4.03 -10.52 -13.57
C GLY A 214 3.90 -12.03 -13.38
N ALA A 215 4.15 -12.79 -14.45
CA ALA A 215 4.17 -14.27 -14.47
C ALA A 215 5.49 -14.76 -13.87
N GLU A 216 5.40 -15.67 -12.89
CA GLU A 216 6.56 -16.43 -12.36
C GLU A 216 6.86 -17.58 -13.33
N THR A 217 7.99 -17.53 -14.03
CA THR A 217 8.31 -18.41 -15.19
C THR A 217 9.45 -19.39 -14.88
N THR A 218 10.14 -19.24 -13.74
CA THR A 218 11.26 -20.12 -13.33
C THR A 218 10.71 -21.45 -12.79
N GLY A 219 9.65 -21.39 -11.99
CA GLY A 219 9.03 -22.55 -11.32
C GLY A 219 9.74 -22.92 -10.03
N THR A 220 10.68 -22.07 -9.58
CA THR A 220 11.51 -22.30 -8.35
C THR A 220 11.39 -21.11 -7.38
N GLU A 221 11.29 -19.88 -7.89
CA GLU A 221 11.42 -18.64 -7.08
C GLU A 221 10.08 -18.27 -6.43
N THR A 222 10.11 -18.01 -5.12
CA THR A 222 9.02 -17.39 -4.33
C THR A 222 9.29 -15.89 -4.23
N ARG A 223 8.33 -15.06 -4.66
CA ARG A 223 8.42 -13.58 -4.67
C ARG A 223 7.53 -13.03 -3.56
N ARG A 224 8.06 -12.12 -2.73
CA ARG A 224 7.32 -11.50 -1.60
C ARG A 224 7.38 -9.98 -1.70
N LEU A 225 6.27 -9.30 -1.41
CA LEU A 225 6.18 -7.83 -1.40
C LEU A 225 5.33 -7.36 -0.21
N LEU A 226 5.63 -6.14 0.27
CA LEU A 226 4.78 -5.39 1.22
C LEU A 226 4.02 -4.34 0.39
N THR A 227 2.70 -4.51 0.26
CA THR A 227 1.79 -3.55 -0.42
C THR A 227 1.16 -2.66 0.65
N ILE A 228 1.45 -1.35 0.58
CA ILE A 228 0.89 -0.31 1.50
C ILE A 228 0.01 0.62 0.65
N THR A 229 -1.30 0.41 0.66
CA THR A 229 -2.30 1.33 0.05
C THR A 229 -2.56 2.45 1.06
N MET A 230 -2.05 3.64 0.77
CA MET A 230 -2.32 4.88 1.53
C MET A 230 -3.45 5.62 0.83
N GLY A 231 -4.46 6.06 1.58
CA GLY A 231 -5.65 6.74 1.03
C GLY A 231 -6.13 7.83 1.97
N ILE A 232 -6.90 8.77 1.43
CA ILE A 232 -7.50 9.89 2.21
C ILE A 232 -8.37 9.29 3.32
N SER A 233 -8.39 9.94 4.48
CA SER A 233 -9.09 9.49 5.71
C SER A 233 -10.61 9.49 5.48
N GLN A 234 -11.08 10.06 4.37
CA GLN A 234 -12.51 10.10 3.96
C GLN A 234 -12.94 8.76 3.36
N LEU A 235 -12.00 7.89 2.99
CA LEU A 235 -12.29 6.54 2.42
C LEU A 235 -12.06 5.48 3.50
N THR A 236 -12.94 4.47 3.57
CA THR A 236 -12.89 3.38 4.57
C THR A 236 -11.76 2.42 4.23
N PRO A 237 -10.91 2.04 5.20
CA PRO A 237 -9.87 1.03 4.95
C PRO A 237 -10.44 -0.35 4.56
N LEU A 238 -9.67 -1.11 3.79
CA LEU A 238 -9.98 -2.52 3.42
C LEU A 238 -9.86 -3.39 4.68
N GLU A 239 -9.01 -3.00 5.63
CA GLU A 239 -8.66 -3.78 6.85
C GLU A 239 -9.02 -2.97 8.11
N SER A 240 -9.34 -3.67 9.20
CA SER A 240 -9.67 -3.08 10.52
C SER A 240 -8.55 -3.37 11.53
N ASN A 241 -8.21 -2.39 12.37
CA ASN A 241 -7.26 -2.54 13.50
C ASN A 241 -8.05 -2.51 14.82
N LEU A 242 -9.37 -2.70 14.77
CA LEU A 242 -10.28 -2.60 15.94
C LEU A 242 -9.95 -3.68 16.98
N ALA A 243 -9.42 -4.83 16.53
CA ALA A 243 -9.13 -6.01 17.39
C ALA A 243 -7.67 -6.01 17.85
N VAL A 244 -6.86 -5.01 17.44
CA VAL A 244 -5.43 -4.87 17.85
C VAL A 244 -5.41 -4.49 19.34
N PRO A 245 -4.70 -5.25 20.21
CA PRO A 245 -4.66 -4.94 21.65
C PRO A 245 -4.22 -3.50 21.94
N ARG A 246 -4.84 -2.87 22.95
CA ARG A 246 -4.60 -1.45 23.32
C ARG A 246 -3.14 -1.25 23.71
N PRO A 247 -2.49 -2.17 24.46
CA PRO A 247 -1.06 -2.06 24.75
C PRO A 247 -0.19 -1.86 23.50
N VAL A 248 -0.46 -2.62 22.43
CA VAL A 248 0.25 -2.51 21.11
C VAL A 248 -0.02 -1.10 20.54
N ILE A 249 -1.27 -0.66 20.54
CA ILE A 249 -1.70 0.66 20.00
C ILE A 249 -1.01 1.77 20.80
N GLU A 250 -0.94 1.64 22.13
CA GLU A 250 -0.38 2.67 23.04
C GLU A 250 1.16 2.69 22.96
N SER A 251 1.76 1.68 22.32
CA SER A 251 3.22 1.61 22.06
C SER A 251 3.59 2.42 20.82
N LEU A 252 2.60 2.79 20.00
CA LEU A 252 2.80 3.49 18.69
C LEU A 252 2.95 5.00 18.91
N THR A 253 3.46 5.71 17.91
CA THR A 253 3.45 7.19 17.82
C THR A 253 2.02 7.65 17.56
N PRO A 254 1.66 8.91 17.92
CA PRO A 254 0.35 9.47 17.55
C PRO A 254 0.05 9.36 16.05
N LEU A 255 1.07 9.55 15.20
CA LEU A 255 0.93 9.48 13.71
C LEU A 255 0.55 8.06 13.30
N ALA A 256 1.24 7.04 13.82
CA ALA A 256 0.97 5.60 13.58
C ALA A 256 -0.45 5.26 14.02
N GLN A 257 -0.85 5.72 15.22
CA GLN A 257 -2.22 5.53 15.79
C GLN A 257 -3.26 6.07 14.80
N ARG A 258 -3.05 7.27 14.26
CA ARG A 258 -3.96 7.93 13.28
C ARG A 258 -4.08 7.05 12.02
N LEU A 259 -2.94 6.55 11.52
CA LEU A 259 -2.87 5.73 10.28
C LEU A 259 -3.66 4.42 10.44
N LEU A 260 -3.82 3.92 11.67
CA LEU A 260 -4.53 2.64 11.96
C LEU A 260 -5.97 2.89 12.43
N GLY A 261 -6.45 4.14 12.37
CA GLY A 261 -7.84 4.51 12.70
C GLY A 261 -8.07 4.55 14.21
N TRP A 262 -7.01 4.68 15.01
CA TRP A 262 -7.09 4.88 16.49
C TRP A 262 -6.86 6.36 16.81
N ALA A 263 -7.42 7.25 15.99
CA ALA A 263 -7.47 8.71 16.19
C ALA A 263 -8.55 9.30 15.28
N SER A 264 -9.06 10.48 15.64
CA SER A 264 -9.93 11.30 14.75
C SER A 264 -9.10 11.77 13.55
N GLN A 265 -9.76 12.19 12.48
CA GLN A 265 -9.11 12.61 11.22
C GLN A 265 -9.63 14.01 10.84
N ARG A 266 -8.89 14.71 9.98
CA ARG A 266 -9.24 16.08 9.52
C ARG A 266 -9.26 16.12 7.99
N SER A 267 -10.26 16.81 7.42
CA SER A 267 -10.32 17.17 5.98
C SER A 267 -9.56 18.47 5.75
N ALA A 268 -9.32 18.84 4.48
CA ALA A 268 -8.59 20.06 4.07
C ALA A 268 -9.54 21.26 3.97
N ALA A 269 -10.83 21.08 4.26
CA ALA A 269 -11.85 22.17 4.26
C ALA A 269 -11.40 23.26 5.23
N PRO A 270 -11.35 24.55 4.79
CA PRO A 270 -10.91 25.66 5.65
C PRO A 270 -11.45 25.62 7.08
N ARG A 271 -12.75 25.35 7.24
CA ARG A 271 -13.43 25.23 8.56
C ARG A 271 -13.84 23.76 8.78
N ASP A 272 -12.89 22.85 8.58
CA ASP A 272 -13.05 21.38 8.76
C ASP A 272 -13.75 21.08 10.10
N ILE A 273 -14.75 20.18 10.09
CA ILE A 273 -15.50 19.74 11.30
C ILE A 273 -15.05 18.33 11.71
N GLY A 274 -14.22 17.67 10.89
CA GLY A 274 -13.46 16.46 11.27
C GLY A 274 -14.21 15.17 10.98
N LEU A 275 -13.50 14.04 11.10
CA LEU A 275 -14.03 12.66 10.91
C LEU A 275 -13.74 11.85 12.17
N LEU A 276 -14.63 10.90 12.50
CA LEU A 276 -14.51 10.00 13.68
C LEU A 276 -14.32 10.82 14.95
N THR A 277 -15.08 11.91 15.11
CA THR A 277 -15.07 12.79 16.30
C THR A 277 -16.14 12.31 17.29
N ILE A 278 -16.06 12.76 18.54
CA ILE A 278 -17.02 12.40 19.63
C ILE A 278 -17.45 13.70 20.31
N ARG A 279 -18.59 14.26 19.85
CA ARG A 279 -19.20 15.50 20.40
C ARG A 279 -18.16 16.62 20.45
N GLY A 280 -17.44 16.82 19.34
CA GLY A 280 -16.49 17.93 19.14
C GLY A 280 -15.09 17.63 19.68
N ASN A 281 -14.88 16.44 20.24
CA ASN A 281 -13.57 16.00 20.80
C ASN A 281 -13.06 14.79 20.00
N SER A 282 -11.74 14.62 19.96
CA SER A 282 -11.05 13.53 19.22
C SER A 282 -11.21 12.21 19.98
N ILE A 283 -11.03 11.08 19.28
CA ILE A 283 -10.96 9.70 19.87
C ILE A 283 -9.88 9.68 20.95
N GLU A 284 -8.70 10.21 20.62
CA GLU A 284 -7.48 10.12 21.48
C GLU A 284 -7.69 10.94 22.76
N LYS A 285 -8.38 12.08 22.69
CA LYS A 285 -8.70 12.93 23.87
C LYS A 285 -9.75 12.24 24.73
N THR A 286 -10.85 11.78 24.10
CA THR A 286 -12.01 11.14 24.77
C THR A 286 -11.56 9.89 25.55
N MET A 287 -10.81 8.99 24.89
CA MET A 287 -10.40 7.67 25.44
C MET A 287 -9.11 7.80 26.26
N ASN A 288 -8.51 9.00 26.30
CA ASN A 288 -7.24 9.29 27.03
C ASN A 288 -6.17 8.30 26.54
N LEU A 289 -6.03 8.19 25.22
CA LEU A 289 -5.15 7.19 24.54
C LEU A 289 -3.68 7.64 24.67
N LYS A 290 -2.85 6.83 25.34
CA LYS A 290 -1.40 7.06 25.51
C LYS A 290 -0.68 6.71 24.21
N ALA A 291 0.51 7.27 23.99
CA ALA A 291 1.37 7.03 22.80
C ALA A 291 2.82 6.80 23.24
N GLU A 292 3.51 5.88 22.55
CA GLU A 292 4.96 5.59 22.72
C GLU A 292 5.22 5.04 24.14
N GLN A 293 4.36 4.12 24.60
CA GLN A 293 4.51 3.37 25.88
C GLN A 293 5.05 1.97 25.55
N PRO A 294 6.34 1.68 25.81
CA PRO A 294 6.92 0.38 25.48
C PRO A 294 6.15 -0.81 26.10
N LEU A 295 6.19 -1.96 25.43
CA LEU A 295 5.54 -3.24 25.89
C LEU A 295 6.42 -3.88 26.97
#